data_6KUY
#
_entry.id   6KUY
#
_cell.length_a   71.210
_cell.length_b   71.620
_cell.length_c   286.250
_cell.angle_alpha   90.00
_cell.angle_beta   90.00
_cell.angle_gamma   90.00
#
_symmetry.space_group_name_H-M   'C 2 2 21'
#
loop_
_entity.id
_entity.type
_entity.pdbx_description
1 polymer 'Alpha2A adrenergic receptor'
2 non-polymer DI(HYDROXYETHYL)ETHER
3 non-polymer (2~{S})-4-fluoranyl-2-(1~{H}-imidazol-5-yl)-1-propan-2-yl-2,3-dihydroindole
#
_entity_poly.entity_id   1
_entity_poly.type   'polypeptide(L)'
_entity_poly.pdbx_seq_one_letter_code
;GGGARATPYSLQVTLTLVCLAGLLMLLTVFGNVLVIIAVFTSRALKAPQNLFLVSLASADILVATLVIPFSLANEVMGYW
YFGKAWCEIYLALDVLFCTSSAWHLCAISLDRYWSITQAIEYNLKRTPRRIKAIILTVWVISAVISFPPLISIEKKGGGG
GPQPAEPRCEINDQKWYVISSCIGSFFAPCLIMILVYVRIYQIAKRRTADLEDNWETLNDNLKVIEKADNAAQVKDALTK
MRAAALDAQKATPPKLEDKSPDSPEMKDFRHGFDILVGQIDDALKLANEGKVKEAQAAAEQLKTTRNAYIQKYLRQNREK
RFTFVLAVVIGVFVVCWFPFFFTYTLTAVGCSVPRTLFKFFFWFGYCNSSLNPVIYTIFNHDFRRAFKKILCRGD
;
_entity_poly.pdbx_strand_id   A
#
loop_
_chem_comp.id
_chem_comp.type
_chem_comp.name
_chem_comp.formula
E39 non-polymer (2~{S})-4-fluoranyl-2-(1~{H}-imidazol-5-yl)-1-propan-2-yl-2,3-dihydroindole 'C14 H16 F N3'
PEG non-polymer DI(HYDROXYETHYL)ETHER 'C4 H10 O3'
#
# COMPACT_ATOMS: atom_id res chain seq x y z
N THR A 14 -17.49 30.33 -8.18
CA THR A 14 -17.28 31.73 -7.81
C THR A 14 -16.47 31.82 -6.51
N LEU A 15 -16.99 32.52 -5.49
CA LEU A 15 -16.30 32.62 -4.21
C LEU A 15 -16.55 31.41 -3.32
N THR A 16 -17.32 30.43 -3.77
CA THR A 16 -17.58 29.25 -2.96
C THR A 16 -16.34 28.38 -2.76
N LEU A 17 -15.32 28.55 -3.59
CA LEU A 17 -14.18 27.63 -3.61
C LEU A 17 -13.05 28.01 -2.66
N VAL A 18 -13.05 29.23 -2.13
CA VAL A 18 -11.97 29.63 -1.24
C VAL A 18 -11.98 28.80 0.04
N CYS A 19 -13.17 28.43 0.52
CA CYS A 19 -13.24 27.66 1.76
C CYS A 19 -13.06 26.17 1.51
N LEU A 20 -13.43 25.69 0.32
CA LEU A 20 -13.35 24.26 0.02
C LEU A 20 -11.91 23.75 0.12
N ALA A 21 -10.95 24.49 -0.44
CA ALA A 21 -9.56 24.04 -0.41
C ALA A 21 -9.02 24.00 1.02
N GLY A 22 -9.18 25.09 1.77
CA GLY A 22 -8.82 25.07 3.18
C GLY A 22 -9.58 24.01 3.95
N LEU A 23 -10.84 23.78 3.59
CA LEU A 23 -11.59 22.67 4.14
C LEU A 23 -10.88 21.34 3.89
N LEU A 24 -10.52 21.09 2.62
CA LEU A 24 -9.76 19.89 2.29
C LEU A 24 -8.34 19.98 2.84
N MET A 25 -7.84 21.18 3.11
CA MET A 25 -6.52 21.33 3.71
C MET A 25 -6.52 20.84 5.15
N LEU A 26 -7.57 21.17 5.91
CA LEU A 26 -7.69 20.65 7.27
C LEU A 26 -7.86 19.13 7.27
N LEU A 27 -8.47 18.58 6.23
CA LEU A 27 -8.65 17.13 6.13
C LEU A 27 -7.34 16.38 6.26
N THR A 28 -6.21 17.02 5.94
CA THR A 28 -4.91 16.42 6.18
C THR A 28 -4.58 16.41 7.67
N VAL A 29 -4.76 17.56 8.34
CA VAL A 29 -4.58 17.62 9.79
C VAL A 29 -5.52 16.64 10.48
N PHE A 30 -6.81 16.73 10.15
CA PHE A 30 -7.79 15.80 10.70
C PHE A 30 -7.40 14.35 10.44
N GLY A 31 -6.98 14.06 9.21
CA GLY A 31 -6.64 12.70 8.83
C GLY A 31 -5.30 12.22 9.35
N ASN A 32 -4.26 13.03 9.20
CA ASN A 32 -2.91 12.56 9.49
C ASN A 32 -2.57 12.63 10.98
N VAL A 33 -3.07 13.65 11.70
CA VAL A 33 -2.79 13.73 13.13
C VAL A 33 -3.44 12.56 13.86
N LEU A 34 -4.63 12.14 13.42
CA LEU A 34 -5.23 10.93 13.94
C LEU A 34 -4.25 9.76 13.82
N VAL A 35 -3.57 9.65 12.68
CA VAL A 35 -2.56 8.61 12.50
C VAL A 35 -1.35 8.90 13.37
N ILE A 36 -0.92 10.17 13.43
CA ILE A 36 0.27 10.55 14.19
C ILE A 36 0.19 10.01 15.61
N ILE A 37 -0.96 10.19 16.26
CA ILE A 37 -1.11 9.77 17.64
C ILE A 37 -1.56 8.31 17.75
N ALA A 38 -2.22 7.78 16.71
CA ALA A 38 -2.60 6.37 16.71
C ALA A 38 -1.39 5.47 16.85
N VAL A 39 -0.38 5.66 16.00
CA VAL A 39 0.85 4.88 16.09
C VAL A 39 1.79 5.41 17.17
N PHE A 40 1.60 6.66 17.60
CA PHE A 40 2.48 7.29 18.58
C PHE A 40 2.77 6.38 19.77
N THR A 41 1.74 5.72 20.29
CA THR A 41 1.89 4.96 21.53
C THR A 41 0.86 3.82 21.52
N SER A 42 1.21 2.74 20.83
CA SER A 42 0.33 1.57 20.73
C SER A 42 1.19 0.31 20.83
N ARG A 43 0.80 -0.58 21.75
CA ARG A 43 1.52 -1.83 21.92
C ARG A 43 1.41 -2.72 20.69
N ALA A 44 0.41 -2.52 19.84
CA ALA A 44 0.29 -3.32 18.64
C ALA A 44 1.23 -2.82 17.54
N LEU A 45 1.46 -1.51 17.47
CA LEU A 45 2.27 -0.92 16.42
C LEU A 45 3.75 -1.10 16.71
N LYS A 46 4.44 -1.79 15.80
CA LYS A 46 5.89 -1.89 15.90
C LYS A 46 6.52 -0.53 15.65
N ALA A 47 7.57 -0.22 16.39
CA ALA A 47 8.28 1.05 16.26
C ALA A 47 8.95 1.23 14.90
N PRO A 48 9.58 0.20 14.32
CA PRO A 48 10.15 0.37 12.97
C PRO A 48 9.19 0.93 11.93
N GLN A 49 8.00 0.35 11.78
CA GLN A 49 7.09 0.86 10.76
C GLN A 49 6.47 2.19 11.16
N ASN A 50 6.24 2.39 12.47
CA ASN A 50 5.54 3.58 12.93
C ASN A 50 6.35 4.84 12.64
N LEU A 51 7.65 4.80 12.93
CA LEU A 51 8.56 5.90 12.65
C LEU A 51 8.41 6.44 11.23
N PHE A 52 8.24 5.54 10.26
CA PHE A 52 8.17 5.97 8.87
C PHE A 52 6.81 6.55 8.53
N LEU A 53 5.74 5.91 9.01
CA LEU A 53 4.40 6.40 8.75
C LEU A 53 4.11 7.69 9.51
N VAL A 54 4.85 7.97 10.58
CA VAL A 54 4.61 9.19 11.34
C VAL A 54 5.41 10.37 10.79
N SER A 55 6.58 10.11 10.20
CA SER A 55 7.31 11.19 9.53
C SER A 55 6.68 11.52 8.18
N LEU A 56 6.08 10.52 7.52
CA LEU A 56 5.30 10.78 6.33
C LEU A 56 4.04 11.58 6.67
N ALA A 57 3.35 11.20 7.74
CA ALA A 57 2.19 11.95 8.20
C ALA A 57 2.59 13.31 8.77
N SER A 58 3.85 13.46 9.21
CA SER A 58 4.31 14.75 9.69
C SER A 58 4.63 15.69 8.54
N ALA A 59 5.11 15.18 7.41
CA ALA A 59 5.31 16.04 6.25
C ALA A 59 3.98 16.48 5.66
N ASP A 60 3.00 15.58 5.66
CA ASP A 60 1.67 15.95 5.17
C ASP A 60 1.01 16.98 6.06
N ILE A 61 1.14 16.81 7.38
CA ILE A 61 0.55 17.78 8.31
C ILE A 61 1.31 19.09 8.29
N LEU A 62 2.60 19.08 7.91
CA LEU A 62 3.34 20.33 7.78
C LEU A 62 2.96 21.08 6.52
N VAL A 63 2.77 20.36 5.40
CA VAL A 63 2.50 21.04 4.14
C VAL A 63 1.05 21.49 4.04
N ALA A 64 0.14 20.78 4.69
CA ALA A 64 -1.27 21.18 4.66
C ALA A 64 -1.49 22.49 5.39
N THR A 65 -0.61 22.83 6.34
CA THR A 65 -0.79 24.05 7.11
C THR A 65 0.04 25.20 6.57
N LEU A 66 1.34 24.98 6.36
CA LEU A 66 2.24 26.09 6.03
C LEU A 66 2.31 26.40 4.55
N VAL A 67 1.85 25.51 3.68
CA VAL A 67 2.02 25.74 2.24
C VAL A 67 0.69 25.67 1.51
N ILE A 68 -0.22 24.80 1.95
CA ILE A 68 -1.49 24.59 1.27
C ILE A 68 -2.31 25.87 1.11
N PRO A 69 -2.59 26.65 2.17
CA PRO A 69 -3.51 27.79 2.00
C PRO A 69 -3.01 28.83 1.01
N PHE A 70 -1.70 29.07 0.95
CA PHE A 70 -1.19 30.13 0.09
C PHE A 70 -1.44 29.82 -1.37
N SER A 71 -1.37 28.53 -1.74
CA SER A 71 -1.58 28.12 -3.12
C SER A 71 -2.98 28.49 -3.61
N LEU A 72 -3.96 28.54 -2.71
CA LEU A 72 -5.31 28.92 -3.10
C LEU A 72 -5.42 30.41 -3.38
N ALA A 73 -4.99 31.24 -2.42
CA ALA A 73 -5.02 32.69 -2.61
C ALA A 73 -4.15 33.10 -3.80
N ASN A 74 -2.93 32.55 -3.87
CA ASN A 74 -2.06 32.83 -5.02
C ASN A 74 -2.73 32.42 -6.33
N GLU A 75 -3.61 31.42 -6.27
CA GLU A 75 -4.33 30.99 -7.47
C GLU A 75 -5.48 31.92 -7.82
N VAL A 76 -6.08 32.59 -6.83
CA VAL A 76 -7.11 33.59 -7.10
C VAL A 76 -6.95 34.76 -6.14
N MET A 77 -6.52 35.92 -6.65
CA MET A 77 -6.44 37.17 -5.91
C MET A 77 -5.40 37.11 -4.81
N GLY A 78 -4.16 36.83 -5.16
CA GLY A 78 -3.12 36.72 -4.16
C GLY A 78 -1.75 37.03 -4.71
N TYR A 79 -0.90 37.58 -3.84
CA TYR A 79 0.51 37.76 -4.12
C TYR A 79 1.26 37.68 -2.80
N TRP A 80 2.57 37.48 -2.90
CA TRP A 80 3.41 37.47 -1.71
C TRP A 80 3.22 38.77 -0.92
N TYR A 81 2.94 38.61 0.38
CA TYR A 81 2.75 39.73 1.29
C TYR A 81 3.81 39.67 2.38
N PHE A 82 4.03 40.82 3.01
CA PHE A 82 5.08 40.97 4.02
C PHE A 82 6.40 40.41 3.52
N GLY A 83 6.73 40.70 2.27
CA GLY A 83 8.03 40.35 1.76
C GLY A 83 8.00 39.13 0.85
N LYS A 84 8.97 39.08 -0.07
CA LYS A 84 9.16 37.91 -0.92
C LYS A 84 9.68 36.71 -0.14
N ALA A 85 10.21 36.93 1.07
CA ALA A 85 10.63 35.84 1.93
C ALA A 85 9.56 34.76 2.02
N TRP A 86 8.29 35.19 2.03
CA TRP A 86 7.19 34.25 1.96
C TRP A 86 7.23 33.43 0.68
N CYS A 87 7.58 34.04 -0.45
CA CYS A 87 7.71 33.32 -1.71
C CYS A 87 8.99 32.49 -1.77
N GLU A 88 9.98 32.79 -0.92
CA GLU A 88 11.17 31.95 -0.84
C GLU A 88 10.84 30.61 -0.20
N ILE A 89 10.31 30.64 1.03
CA ILE A 89 10.03 29.40 1.75
C ILE A 89 8.88 28.63 1.11
N TYR A 90 7.92 29.34 0.51
CA TYR A 90 6.77 28.67 -0.10
C TYR A 90 7.23 27.72 -1.20
N LEU A 91 8.16 28.17 -2.04
CA LEU A 91 8.72 27.28 -3.06
C LEU A 91 9.56 26.18 -2.41
N ALA A 92 10.35 26.52 -1.39
CA ALA A 92 11.33 25.58 -0.85
C ALA A 92 10.66 24.43 -0.11
N LEU A 93 9.51 24.65 0.51
CA LEU A 93 8.84 23.56 1.21
C LEU A 93 8.01 22.71 0.25
N ASP A 94 7.46 23.34 -0.80
CA ASP A 94 6.65 22.61 -1.77
C ASP A 94 7.46 21.61 -2.57
N VAL A 95 8.77 21.81 -2.67
CA VAL A 95 9.64 20.77 -3.21
C VAL A 95 10.08 19.83 -2.11
N LEU A 96 10.44 20.37 -0.95
CA LEU A 96 11.00 19.57 0.14
C LEU A 96 10.07 18.43 0.52
N PHE A 97 8.82 18.74 0.82
CA PHE A 97 7.90 17.70 1.28
C PHE A 97 7.70 16.62 0.24
N CYS A 98 7.66 16.99 -1.05
CA CYS A 98 7.40 16.02 -2.10
C CYS A 98 8.64 15.22 -2.44
N THR A 99 9.82 15.85 -2.35
CA THR A 99 11.06 15.08 -2.49
C THR A 99 11.23 14.13 -1.30
N SER A 100 10.91 14.61 -0.09
CA SER A 100 11.02 13.75 1.09
C SER A 100 9.91 12.70 1.10
N SER A 101 8.69 13.07 0.71
CA SER A 101 7.61 12.09 0.69
C SER A 101 7.89 10.98 -0.30
N ALA A 102 8.37 11.34 -1.50
CA ALA A 102 8.76 10.32 -2.48
C ALA A 102 9.90 9.46 -1.96
N TRP A 103 10.91 10.09 -1.36
CA TRP A 103 12.06 9.33 -0.85
C TRP A 103 11.69 8.50 0.37
N HIS A 104 10.70 8.95 1.16
CA HIS A 104 10.23 8.13 2.27
C HIS A 104 9.55 6.88 1.77
N LEU A 105 8.62 7.04 0.82
CA LEU A 105 8.00 5.89 0.17
C LEU A 105 9.04 4.98 -0.47
N CYS A 106 10.16 5.55 -0.91
CA CYS A 106 11.25 4.76 -1.44
C CYS A 106 11.89 3.90 -0.35
N ALA A 107 12.09 4.49 0.84
CA ALA A 107 12.76 3.77 1.91
C ALA A 107 11.86 2.70 2.51
N ILE A 108 10.56 2.97 2.65
CA ILE A 108 9.64 1.94 3.09
C ILE A 108 9.56 0.84 2.04
N SER A 109 9.59 1.21 0.77
CA SER A 109 9.74 0.25 -0.32
C SER A 109 10.99 -0.58 -0.14
N LEU A 110 12.11 0.07 0.20
CA LEU A 110 13.35 -0.66 0.45
C LEU A 110 13.26 -1.47 1.73
N ASP A 111 12.64 -0.90 2.78
CA ASP A 111 12.48 -1.64 4.03
C ASP A 111 11.64 -2.90 3.83
N ARG A 112 10.55 -2.79 3.06
CA ARG A 112 9.67 -3.93 2.83
C ARG A 112 10.39 -5.03 2.07
N TYR A 113 11.17 -4.67 1.04
CA TYR A 113 11.93 -5.65 0.30
C TYR A 113 12.95 -6.34 1.19
N TRP A 114 13.79 -5.55 1.86
CA TRP A 114 14.86 -6.10 2.69
C TRP A 114 14.30 -7.03 3.76
N SER A 115 13.16 -6.67 4.36
CA SER A 115 12.58 -7.49 5.43
C SER A 115 12.08 -8.82 4.90
N ILE A 116 11.50 -8.82 3.70
CA ILE A 116 10.90 -10.03 3.16
C ILE A 116 11.99 -11.02 2.75
N THR A 117 13.17 -10.54 2.37
CA THR A 117 14.23 -11.40 1.88
C THR A 117 15.30 -11.69 2.94
N GLN A 118 15.92 -10.65 3.50
CA GLN A 118 17.06 -10.89 4.40
C GLN A 118 16.67 -11.58 5.70
N ALA A 119 15.38 -11.52 6.08
CA ALA A 119 14.79 -12.35 7.13
C ALA A 119 15.46 -12.02 8.47
N ILE A 120 16.04 -12.99 9.17
CA ILE A 120 16.45 -12.80 10.56
C ILE A 120 17.53 -11.74 10.66
N GLU A 121 18.48 -11.75 9.71
CA GLU A 121 19.61 -10.83 9.77
C GLU A 121 19.15 -9.38 9.79
N TYR A 122 18.21 -9.03 8.90
CA TYR A 122 17.71 -7.66 8.85
C TYR A 122 16.96 -7.28 10.13
N ASN A 123 16.16 -8.21 10.67
CA ASN A 123 15.46 -7.94 11.93
C ASN A 123 16.44 -7.59 13.03
N LEU A 124 17.60 -8.26 13.06
CA LEU A 124 18.64 -7.90 14.03
C LEU A 124 19.15 -6.48 13.78
N LYS A 125 19.18 -6.05 12.51
CA LYS A 125 19.67 -4.71 12.18
C LYS A 125 18.56 -3.66 12.11
N ARG A 126 17.29 -4.08 12.07
CA ARG A 126 16.17 -3.14 12.05
C ARG A 126 15.95 -2.46 13.40
N THR A 127 17.04 -2.01 14.03
CA THR A 127 16.92 -1.33 15.31
C THR A 127 16.13 -0.03 15.12
N PRO A 128 15.19 0.30 16.03
CA PRO A 128 14.49 1.58 15.94
C PRO A 128 15.42 2.77 15.76
N ARG A 129 16.64 2.67 16.31
CA ARG A 129 17.62 3.73 16.11
C ARG A 129 18.12 3.77 14.67
N ARG A 130 18.28 2.60 14.05
CA ARG A 130 18.71 2.54 12.66
C ARG A 130 17.70 3.23 11.73
N ILE A 131 16.41 2.92 11.91
CA ILE A 131 15.39 3.49 11.03
C ILE A 131 15.12 4.95 11.36
N LYS A 132 15.36 5.37 12.61
CA LYS A 132 15.30 6.78 12.93
C LYS A 132 16.35 7.55 12.16
N ALA A 133 17.56 7.00 12.08
CA ALA A 133 18.63 7.60 11.28
C ALA A 133 18.23 7.72 9.82
N ILE A 134 17.47 6.73 9.31
CA ILE A 134 17.08 6.72 7.91
C ILE A 134 16.20 7.92 7.59
N ILE A 135 15.28 8.25 8.50
CA ILE A 135 14.34 9.33 8.24
C ILE A 135 15.08 10.67 8.18
N LEU A 136 15.93 10.94 9.18
CA LEU A 136 16.67 12.21 9.21
C LEU A 136 17.48 12.39 7.94
N THR A 137 18.05 11.30 7.40
CA THR A 137 18.84 11.40 6.19
C THR A 137 17.97 11.73 4.98
N VAL A 138 16.74 11.19 4.95
CA VAL A 138 15.80 11.58 3.90
C VAL A 138 15.58 13.09 3.93
N TRP A 139 15.41 13.65 5.13
CA TRP A 139 15.30 15.10 5.27
C TRP A 139 16.57 15.80 4.80
N VAL A 140 17.73 15.23 5.11
CA VAL A 140 19.00 15.84 4.73
C VAL A 140 19.15 15.86 3.21
N ILE A 141 19.00 14.70 2.58
CA ILE A 141 19.20 14.63 1.13
C ILE A 141 18.07 15.32 0.39
N SER A 142 16.86 15.32 0.95
CA SER A 142 15.77 16.06 0.34
C SER A 142 16.03 17.56 0.39
N ALA A 143 16.75 18.03 1.41
CA ALA A 143 17.09 19.44 1.47
C ALA A 143 18.18 19.81 0.47
N VAL A 144 18.98 18.83 0.04
CA VAL A 144 20.02 19.11 -0.95
C VAL A 144 19.40 19.27 -2.33
N ILE A 145 18.50 18.35 -2.70
CA ILE A 145 17.79 18.47 -3.97
C ILE A 145 16.96 19.76 -4.01
N SER A 146 16.45 20.20 -2.86
CA SER A 146 15.62 21.40 -2.81
C SER A 146 16.45 22.68 -2.89
N PHE A 147 17.64 22.69 -2.30
CA PHE A 147 18.46 23.89 -2.27
C PHE A 147 19.15 24.09 -3.62
N PRO A 148 18.90 25.19 -4.31
CA PRO A 148 19.48 25.41 -5.63
C PRO A 148 20.78 26.19 -5.54
N PRO A 149 21.80 25.80 -6.32
CA PRO A 149 23.10 26.50 -6.24
C PRO A 149 23.11 27.83 -6.98
N LEU A 150 23.21 28.93 -6.22
CA LEU A 150 23.27 30.29 -6.76
C LEU A 150 22.08 30.62 -7.65
N ILE A 151 20.94 29.98 -7.42
CA ILE A 151 19.75 30.17 -8.22
C ILE A 151 18.56 30.31 -7.30
N SER A 152 17.75 31.35 -7.50
CA SER A 152 16.59 31.62 -6.66
C SER A 152 15.32 31.18 -7.38
N ILE A 153 14.46 30.47 -6.65
CA ILE A 153 13.21 29.98 -7.21
C ILE A 153 12.29 31.14 -7.54
N PRO A 164 12.86 43.18 -1.68
CA PRO A 164 12.43 43.67 -2.99
C PRO A 164 10.92 43.58 -3.20
N ALA A 165 10.44 44.10 -4.32
CA ALA A 165 9.00 44.16 -4.59
C ALA A 165 8.43 42.75 -4.74
N GLU A 166 7.12 42.70 -4.94
CA GLU A 166 6.45 41.43 -5.15
C GLU A 166 7.04 40.73 -6.39
N PRO A 167 7.39 39.46 -6.30
CA PRO A 167 7.92 38.74 -7.47
C PRO A 167 6.88 38.01 -8.30
N ARG A 168 5.60 38.08 -7.93
CA ARG A 168 4.56 37.29 -8.59
C ARG A 168 4.95 35.82 -8.59
N CYS A 169 4.64 35.13 -7.49
CA CYS A 169 5.31 33.88 -7.15
C CYS A 169 5.03 32.79 -8.17
N GLU A 170 6.09 32.33 -8.84
CA GLU A 170 6.12 31.10 -9.62
C GLU A 170 7.56 30.60 -9.61
N ILE A 171 7.81 29.49 -10.30
CA ILE A 171 9.14 28.89 -10.34
C ILE A 171 9.73 29.12 -11.73
N ASN A 172 10.84 29.86 -11.77
CA ASN A 172 11.62 30.02 -12.99
C ASN A 172 11.90 28.67 -13.62
N ASP A 173 11.35 28.45 -14.81
CA ASP A 173 11.35 27.14 -15.44
C ASP A 173 12.63 26.92 -16.26
N GLN A 174 13.76 27.06 -15.57
CA GLN A 174 15.05 26.73 -16.16
C GLN A 174 15.04 25.30 -16.66
N LYS A 175 14.96 25.14 -17.99
CA LYS A 175 14.80 23.82 -18.60
C LYS A 175 15.82 22.81 -18.08
N TRP A 176 17.06 23.26 -17.89
CA TRP A 176 18.10 22.36 -17.40
C TRP A 176 17.83 21.94 -15.95
N TYR A 177 17.82 22.91 -15.02
CA TYR A 177 17.64 22.60 -13.60
C TYR A 177 16.32 21.89 -13.35
N VAL A 178 15.24 22.39 -13.97
CA VAL A 178 13.89 21.94 -13.64
C VAL A 178 13.77 20.43 -13.78
N ILE A 179 14.33 19.87 -14.85
CA ILE A 179 14.13 18.45 -15.13
C ILE A 179 14.92 17.60 -14.16
N SER A 180 16.15 18.01 -13.83
CA SER A 180 16.93 17.31 -12.82
C SER A 180 16.20 17.30 -11.49
N SER A 181 15.55 18.42 -11.13
CA SER A 181 14.75 18.45 -9.92
C SER A 181 13.42 17.73 -10.12
N CYS A 182 12.78 17.94 -11.28
CA CYS A 182 11.56 17.19 -11.60
C CYS A 182 11.80 15.69 -11.47
N ILE A 183 12.90 15.20 -12.01
CA ILE A 183 13.31 13.82 -11.76
C ILE A 183 13.77 13.66 -10.32
N GLY A 184 14.54 14.62 -9.81
CA GLY A 184 15.12 14.49 -8.49
C GLY A 184 14.11 14.37 -7.37
N SER A 185 12.92 14.95 -7.57
CA SER A 185 11.85 14.89 -6.58
C SER A 185 10.94 13.69 -6.80
N PHE A 186 10.32 13.60 -7.98
CA PHE A 186 9.30 12.58 -8.24
C PHE A 186 9.86 11.36 -8.96
N PHE A 187 10.39 11.53 -10.18
CA PHE A 187 10.65 10.42 -11.09
C PHE A 187 11.54 9.34 -10.48
N ALA A 188 12.81 9.65 -10.26
CA ALA A 188 13.75 8.67 -9.69
C ALA A 188 13.24 7.99 -8.43
N PRO A 189 12.80 8.70 -7.38
CA PRO A 189 12.31 7.98 -6.19
C PRO A 189 11.10 7.12 -6.48
N CYS A 190 10.15 7.63 -7.26
CA CYS A 190 8.99 6.82 -7.63
C CYS A 190 9.41 5.63 -8.50
N LEU A 191 10.38 5.83 -9.39
CA LEU A 191 10.85 4.74 -10.22
C LEU A 191 11.38 3.59 -9.37
N ILE A 192 12.24 3.91 -8.39
CA ILE A 192 12.81 2.88 -7.53
C ILE A 192 11.70 2.15 -6.77
N MET A 193 10.83 2.92 -6.10
CA MET A 193 9.80 2.31 -5.27
C MET A 193 8.85 1.45 -6.10
N ILE A 194 8.64 1.81 -7.36
CA ILE A 194 7.92 0.92 -8.26
C ILE A 194 8.76 -0.32 -8.57
N LEU A 195 10.07 -0.13 -8.75
CA LEU A 195 10.91 -1.21 -9.25
C LEU A 195 11.13 -2.29 -8.20
N VAL A 196 11.09 -1.93 -6.93
CA VAL A 196 11.30 -2.95 -5.90
C VAL A 196 9.98 -3.65 -5.57
N TYR A 197 8.85 -2.93 -5.65
CA TYR A 197 7.57 -3.55 -5.34
C TYR A 197 7.13 -4.54 -6.41
N VAL A 198 7.57 -4.36 -7.67
CA VAL A 198 7.27 -5.37 -8.68
C VAL A 198 8.05 -6.64 -8.41
N ARG A 199 9.25 -6.51 -7.82
CA ARG A 199 9.97 -7.68 -7.34
C ARG A 199 9.28 -8.30 -6.15
N ILE A 200 8.68 -7.46 -5.28
CA ILE A 200 7.97 -7.98 -4.12
C ILE A 200 6.78 -8.84 -4.56
N TYR A 201 5.98 -8.30 -5.49
CA TYR A 201 4.81 -9.02 -5.98
C TYR A 201 5.18 -10.37 -6.57
N GLN A 202 6.30 -10.42 -7.31
CA GLN A 202 6.70 -11.66 -7.95
C GLN A 202 7.10 -12.71 -6.92
N ILE A 203 7.75 -12.28 -5.84
CA ILE A 203 8.12 -13.21 -4.78
C ILE A 203 6.88 -13.78 -4.11
N ALA A 204 5.96 -12.91 -3.71
CA ALA A 204 4.73 -13.36 -3.07
C ALA A 204 3.96 -14.32 -3.98
N LYS A 205 3.87 -13.99 -5.27
CA LYS A 205 3.16 -14.85 -6.21
C LYS A 205 3.81 -16.23 -6.32
N ARG A 206 5.15 -16.27 -6.21
CA ARG A 206 5.84 -17.55 -6.33
C ARG A 206 5.55 -18.45 -5.13
N ARG A 207 5.53 -17.87 -3.92
CA ARG A 207 5.30 -18.67 -2.73
C ARG A 207 3.94 -19.34 -2.74
N THR A 208 2.88 -18.56 -2.95
CA THR A 208 1.51 -19.05 -2.90
C THR A 208 1.13 -19.88 -4.12
N ALA A 209 1.96 -19.91 -5.16
CA ALA A 209 1.61 -20.50 -6.45
C ALA A 209 1.05 -21.91 -6.33
N ASP A 210 1.89 -22.86 -5.90
CA ASP A 210 1.50 -24.27 -5.88
C ASP A 210 0.25 -24.50 -5.04
N LEU A 211 0.18 -23.88 -3.87
CA LEU A 211 -1.01 -24.05 -3.04
C LEU A 211 -2.25 -23.54 -3.77
N GLU A 212 -2.11 -22.43 -4.49
CA GLU A 212 -3.25 -21.88 -5.22
C GLU A 212 -3.65 -22.77 -6.40
N ASP A 213 -2.67 -23.44 -7.03
CA ASP A 213 -2.99 -24.53 -7.95
C ASP A 213 -3.96 -25.51 -7.29
N ASN A 214 -3.56 -26.04 -6.13
CA ASN A 214 -4.36 -27.03 -5.41
C ASN A 214 -5.76 -26.50 -5.11
N TRP A 215 -5.83 -25.32 -4.49
CA TRP A 215 -7.14 -24.74 -4.13
C TRP A 215 -8.04 -24.58 -5.35
N GLU A 216 -7.49 -24.11 -6.47
CA GLU A 216 -8.26 -24.04 -7.71
C GLU A 216 -8.71 -25.43 -8.16
N THR A 217 -7.78 -26.39 -8.14
CA THR A 217 -8.12 -27.76 -8.55
C THR A 217 -9.25 -28.33 -7.69
N LEU A 218 -9.22 -28.05 -6.39
CA LEU A 218 -10.33 -28.39 -5.51
C LEU A 218 -11.64 -27.78 -6.00
N ASN A 219 -11.65 -26.46 -6.15
CA ASN A 219 -12.86 -25.77 -6.58
C ASN A 219 -13.33 -26.24 -7.95
N ASP A 220 -12.41 -26.41 -8.91
CA ASP A 220 -12.77 -26.89 -10.24
C ASP A 220 -13.49 -28.23 -10.16
N ASN A 221 -12.86 -29.22 -9.51
CA ASN A 221 -13.47 -30.54 -9.39
C ASN A 221 -14.78 -30.49 -8.60
N LEU A 222 -14.89 -29.54 -7.66
CA LEU A 222 -16.13 -29.39 -6.91
C LEU A 222 -17.27 -28.99 -7.83
N LYS A 223 -17.11 -27.89 -8.57
CA LYS A 223 -18.09 -27.49 -9.57
C LYS A 223 -18.36 -28.62 -10.56
N VAL A 224 -17.30 -29.31 -11.00
CA VAL A 224 -17.47 -30.46 -11.88
C VAL A 224 -18.36 -31.51 -11.22
N ILE A 225 -18.23 -31.68 -9.91
CA ILE A 225 -19.08 -32.63 -9.19
C ILE A 225 -20.53 -32.18 -9.21
N GLU A 226 -20.78 -30.93 -8.78
CA GLU A 226 -22.14 -30.40 -8.82
C GLU A 226 -22.64 -30.33 -10.25
N LYS A 227 -21.75 -30.07 -11.21
CA LYS A 227 -22.10 -30.06 -12.63
C LYS A 227 -21.66 -31.36 -13.30
N ALA A 228 -22.26 -32.46 -12.84
CA ALA A 228 -21.97 -33.79 -13.34
C ALA A 228 -23.29 -34.55 -13.45
N ASP A 229 -23.33 -35.54 -14.35
CA ASP A 229 -24.55 -36.29 -14.53
C ASP A 229 -24.44 -37.78 -14.23
N ASN A 230 -23.24 -38.30 -13.99
CA ASN A 230 -23.07 -39.73 -13.75
C ASN A 230 -22.07 -39.96 -12.62
N ALA A 231 -22.07 -41.20 -12.12
CA ALA A 231 -21.29 -41.51 -10.93
C ALA A 231 -19.79 -41.48 -11.21
N ALA A 232 -19.37 -42.00 -12.38
CA ALA A 232 -17.95 -42.04 -12.71
C ALA A 232 -17.32 -40.66 -12.71
N GLN A 233 -17.98 -39.69 -13.36
CA GLN A 233 -17.49 -38.32 -13.36
C GLN A 233 -17.19 -37.83 -11.94
N VAL A 234 -18.11 -38.10 -11.00
CA VAL A 234 -17.89 -37.70 -9.61
C VAL A 234 -16.68 -38.43 -9.04
N LYS A 235 -16.67 -39.77 -9.16
CA LYS A 235 -15.59 -40.57 -8.59
C LYS A 235 -14.21 -40.10 -9.02
N ASP A 236 -14.06 -39.77 -10.31
CA ASP A 236 -12.78 -39.27 -10.82
C ASP A 236 -12.50 -37.86 -10.33
N ALA A 237 -13.53 -36.99 -10.32
CA ALA A 237 -13.38 -35.68 -9.71
C ALA A 237 -12.88 -35.81 -8.27
N LEU A 238 -13.53 -36.69 -7.50
CA LEU A 238 -13.17 -36.89 -6.09
C LEU A 238 -11.72 -37.33 -5.95
N THR A 239 -11.33 -38.40 -6.67
CA THR A 239 -9.95 -38.88 -6.67
C THR A 239 -8.97 -37.76 -7.04
N LYS A 240 -9.38 -36.88 -7.95
CA LYS A 240 -8.55 -35.73 -8.29
C LYS A 240 -8.27 -34.86 -7.07
N MET A 241 -9.34 -34.35 -6.44
CA MET A 241 -9.16 -33.47 -5.28
C MET A 241 -8.42 -34.16 -4.16
N ARG A 242 -8.54 -35.49 -4.05
CA ARG A 242 -7.88 -36.22 -2.97
C ARG A 242 -6.38 -35.96 -2.96
N ALA A 243 -5.75 -36.04 -4.13
CA ALA A 243 -4.33 -35.66 -4.26
C ALA A 243 -4.13 -34.17 -4.04
N ALA A 244 -5.01 -33.34 -4.63
CA ALA A 244 -4.95 -31.90 -4.45
C ALA A 244 -4.91 -31.51 -2.97
N ALA A 245 -5.79 -32.11 -2.16
CA ALA A 245 -5.80 -31.83 -0.72
C ALA A 245 -4.50 -32.30 -0.06
N LEU A 246 -4.04 -33.51 -0.40
CA LEU A 246 -2.76 -34.00 0.12
C LEU A 246 -1.60 -33.11 -0.32
N ASP A 247 -1.59 -32.70 -1.59
CA ASP A 247 -0.62 -31.71 -2.04
C ASP A 247 -0.79 -30.39 -1.30
N ALA A 248 -2.04 -29.96 -1.10
CA ALA A 248 -2.30 -28.76 -0.31
C ALA A 248 -1.92 -28.95 1.16
N GLN A 249 -2.01 -30.17 1.68
CA GLN A 249 -1.74 -30.39 3.10
C GLN A 249 -0.29 -30.11 3.46
N LYS A 250 0.63 -30.17 2.49
CA LYS A 250 2.05 -29.99 2.75
C LYS A 250 2.53 -28.56 2.51
N ALA A 251 1.64 -27.65 2.15
CA ALA A 251 2.01 -26.25 2.00
C ALA A 251 1.90 -25.53 3.34
N THR A 252 2.52 -24.35 3.42
CA THR A 252 2.29 -23.44 4.52
C THR A 252 1.31 -22.37 4.07
N PRO A 253 0.15 -22.24 4.70
CA PRO A 253 -0.82 -21.22 4.26
C PRO A 253 -0.31 -19.82 4.59
N PRO A 254 -0.82 -18.80 3.90
CA PRO A 254 -0.22 -17.46 4.02
C PRO A 254 -0.14 -16.93 5.45
N LYS A 255 -1.24 -17.04 6.21
CA LYS A 255 -1.23 -16.55 7.58
C LYS A 255 -0.17 -17.27 8.42
N LEU A 256 -0.06 -18.58 8.24
CA LEU A 256 0.80 -19.43 9.06
C LEU A 256 2.25 -19.45 8.60
N GLU A 257 2.65 -18.49 7.77
CA GLU A 257 4.05 -18.36 7.39
C GLU A 257 4.89 -18.04 8.63
N ASP A 258 6.15 -18.47 8.62
CA ASP A 258 7.10 -18.36 9.72
C ASP A 258 6.48 -18.64 11.09
N LYS A 259 5.64 -19.67 11.16
CA LYS A 259 5.20 -20.23 12.43
C LYS A 259 5.72 -21.66 12.54
N SER A 260 5.86 -22.13 13.78
CA SER A 260 6.28 -23.50 14.03
C SER A 260 5.16 -24.47 13.65
N PRO A 261 5.49 -25.73 13.37
CA PRO A 261 4.47 -26.78 13.39
C PRO A 261 4.11 -27.25 14.80
N ASP A 262 4.73 -26.62 15.80
CA ASP A 262 4.28 -26.73 17.19
C ASP A 262 3.13 -25.79 17.48
N SER A 263 2.92 -24.78 16.65
CA SER A 263 1.83 -23.85 16.85
C SER A 263 0.50 -24.55 16.52
N PRO A 264 -0.50 -24.46 17.39
CA PRO A 264 -1.75 -25.18 17.14
C PRO A 264 -2.45 -24.73 15.88
N GLU A 265 -2.16 -23.52 15.39
CA GLU A 265 -2.72 -23.08 14.12
C GLU A 265 -2.18 -23.92 12.97
N MET A 266 -0.86 -24.09 12.92
CA MET A 266 -0.25 -24.91 11.87
C MET A 266 -0.75 -26.35 11.93
N LYS A 267 -1.03 -26.84 13.14
CA LYS A 267 -1.59 -28.17 13.28
C LYS A 267 -3.06 -28.20 12.90
N ASP A 268 -3.81 -27.14 13.23
CA ASP A 268 -5.20 -27.07 12.80
C ASP A 268 -5.30 -27.15 11.29
N PHE A 269 -4.33 -26.58 10.58
CA PHE A 269 -4.26 -26.69 9.13
C PHE A 269 -4.18 -28.15 8.70
N ARG A 270 -3.30 -28.92 9.33
CA ARG A 270 -3.06 -30.30 8.92
C ARG A 270 -4.25 -31.18 9.25
N HIS A 271 -4.70 -31.16 10.50
CA HIS A 271 -5.90 -31.89 10.92
C HIS A 271 -7.07 -31.58 9.99
N GLY A 272 -7.15 -30.32 9.54
CA GLY A 272 -8.23 -29.93 8.63
C GLY A 272 -8.20 -30.69 7.32
N PHE A 273 -7.01 -30.95 6.79
CA PHE A 273 -6.93 -31.70 5.53
C PHE A 273 -7.00 -33.20 5.75
N ASP A 274 -6.63 -33.69 6.94
CA ASP A 274 -6.98 -35.04 7.33
C ASP A 274 -8.49 -35.23 7.31
N ILE A 275 -9.20 -34.40 8.09
CA ILE A 275 -10.66 -34.42 8.14
C ILE A 275 -11.25 -34.38 6.74
N LEU A 276 -10.74 -33.48 5.89
CA LEU A 276 -11.19 -33.38 4.50
C LEU A 276 -10.99 -34.69 3.74
N VAL A 277 -9.75 -35.17 3.68
CA VAL A 277 -9.41 -36.37 2.92
C VAL A 277 -10.35 -37.50 3.28
N GLY A 278 -10.55 -37.71 4.58
CA GLY A 278 -11.51 -38.69 5.03
C GLY A 278 -12.88 -38.50 4.41
N GLN A 279 -13.36 -37.25 4.37
CA GLN A 279 -14.67 -36.99 3.76
C GLN A 279 -14.67 -37.28 2.27
N ILE A 280 -13.56 -37.00 1.58
CA ILE A 280 -13.45 -37.41 0.18
C ILE A 280 -13.60 -38.93 0.05
N ASP A 281 -12.87 -39.68 0.87
CA ASP A 281 -12.93 -41.14 0.82
C ASP A 281 -14.33 -41.64 1.09
N ASP A 282 -15.00 -41.07 2.09
CA ASP A 282 -16.39 -41.45 2.38
C ASP A 282 -17.30 -41.11 1.21
N ALA A 283 -17.10 -39.93 0.60
CA ALA A 283 -17.85 -39.60 -0.59
C ALA A 283 -17.45 -40.49 -1.76
N LEU A 284 -16.22 -41.03 -1.73
CA LEU A 284 -15.82 -41.95 -2.78
C LEU A 284 -16.52 -43.30 -2.64
N LYS A 285 -16.85 -43.68 -1.41
CA LYS A 285 -17.60 -44.91 -1.22
C LYS A 285 -19.00 -44.81 -1.79
N LEU A 286 -19.62 -43.62 -1.71
CA LEU A 286 -20.97 -43.46 -2.23
C LEU A 286 -20.98 -43.53 -3.76
N ALA A 287 -19.96 -42.97 -4.42
CA ALA A 287 -19.94 -42.98 -5.88
C ALA A 287 -19.73 -44.39 -6.42
N ASN A 288 -18.95 -45.21 -5.72
CA ASN A 288 -18.78 -46.59 -6.15
C ASN A 288 -20.00 -47.45 -5.82
N GLU A 289 -20.71 -47.12 -4.75
CA GLU A 289 -21.95 -47.82 -4.43
C GLU A 289 -23.04 -47.59 -5.47
N GLY A 290 -22.85 -46.64 -6.38
CA GLY A 290 -23.86 -46.30 -7.36
C GLY A 290 -24.81 -45.21 -6.95
N LYS A 291 -24.71 -44.72 -5.71
CA LYS A 291 -25.55 -43.63 -5.23
C LYS A 291 -24.99 -42.31 -5.74
N VAL A 292 -25.29 -42.05 -7.02
CA VAL A 292 -24.81 -40.83 -7.69
C VAL A 292 -25.25 -39.60 -6.92
N LYS A 293 -26.47 -39.61 -6.39
CA LYS A 293 -27.06 -38.39 -5.82
C LYS A 293 -26.53 -38.15 -4.41
N GLU A 294 -26.46 -39.21 -3.60
CA GLU A 294 -25.86 -39.11 -2.28
C GLU A 294 -24.44 -38.58 -2.35
N ALA A 295 -23.69 -39.02 -3.36
CA ALA A 295 -22.29 -38.64 -3.53
C ALA A 295 -22.11 -37.13 -3.62
N GLN A 296 -22.63 -36.53 -4.70
CA GLN A 296 -22.54 -35.09 -4.88
C GLN A 296 -23.07 -34.32 -3.67
N ALA A 297 -24.13 -34.84 -3.04
CA ALA A 297 -24.62 -34.26 -1.79
C ALA A 297 -23.52 -34.23 -0.73
N ALA A 298 -22.89 -35.39 -0.48
CA ALA A 298 -21.78 -35.45 0.45
C ALA A 298 -20.59 -34.61 -0.02
N ALA A 299 -20.45 -34.39 -1.33
CA ALA A 299 -19.35 -33.57 -1.83
C ALA A 299 -19.50 -32.12 -1.40
N GLU A 300 -20.75 -31.63 -1.33
CA GLU A 300 -20.97 -30.28 -0.79
C GLU A 300 -20.54 -30.21 0.66
N GLN A 301 -20.76 -31.28 1.43
CA GLN A 301 -20.27 -31.33 2.80
C GLN A 301 -18.76 -31.17 2.86
N LEU A 302 -18.05 -31.74 1.88
CA LEU A 302 -16.61 -31.55 1.79
C LEU A 302 -16.26 -30.07 1.65
N LYS A 303 -16.95 -29.37 0.75
CA LYS A 303 -16.67 -27.96 0.51
C LYS A 303 -16.77 -27.14 1.79
N THR A 304 -17.94 -27.18 2.43
CA THR A 304 -18.17 -26.44 3.68
C THR A 304 -17.10 -26.74 4.72
N THR A 305 -16.75 -28.01 4.88
CA THR A 305 -15.72 -28.38 5.85
C THR A 305 -14.39 -27.73 5.51
N ARG A 306 -14.01 -27.79 4.23
CA ARG A 306 -12.76 -27.18 3.77
C ARG A 306 -12.73 -25.69 4.11
N ASN A 307 -13.81 -24.97 3.83
CA ASN A 307 -13.84 -23.53 4.07
C ASN A 307 -13.68 -23.22 5.57
N ALA A 308 -14.47 -23.87 6.42
CA ALA A 308 -14.37 -23.58 7.84
C ALA A 308 -12.99 -23.91 8.39
N TYR A 309 -12.37 -24.99 7.90
CA TYR A 309 -11.07 -25.39 8.42
C TYR A 309 -9.95 -24.53 7.84
N ILE A 310 -10.01 -24.27 6.53
CA ILE A 310 -8.84 -23.76 5.80
C ILE A 310 -8.95 -22.27 5.50
N GLN A 311 -10.12 -21.80 5.05
CA GLN A 311 -10.27 -20.43 4.56
C GLN A 311 -9.63 -19.40 5.48
N LYS A 312 -9.77 -19.57 6.80
CA LYS A 312 -9.23 -18.61 7.75
C LYS A 312 -7.71 -18.55 7.75
N TYR A 313 -7.04 -19.51 7.11
CA TYR A 313 -5.59 -19.49 7.02
C TYR A 313 -5.09 -18.99 5.68
N LEU A 314 -5.96 -18.94 4.66
CA LEU A 314 -5.56 -18.38 3.38
C LEU A 314 -5.39 -16.87 3.46
N ARG A 315 -6.00 -16.24 4.47
CA ARG A 315 -5.85 -14.81 4.66
C ARG A 315 -4.39 -14.44 4.88
N GLN A 316 -4.02 -13.25 4.40
CA GLN A 316 -2.62 -12.85 4.34
C GLN A 316 -2.06 -12.56 5.74
N ASN A 317 -0.74 -12.71 5.87
CA ASN A 317 -0.07 -12.53 7.15
C ASN A 317 -0.09 -11.06 7.57
N ARG A 318 0.32 -10.82 8.81
CA ARG A 318 0.27 -9.47 9.36
C ARG A 318 1.27 -8.54 8.67
N GLU A 319 2.44 -9.06 8.28
CA GLU A 319 3.40 -8.22 7.56
C GLU A 319 3.01 -8.06 6.10
N LYS A 320 2.37 -9.07 5.51
CA LYS A 320 1.93 -8.93 4.13
C LYS A 320 0.88 -7.84 3.97
N ARG A 321 0.06 -7.62 5.01
CA ARG A 321 -0.94 -6.57 4.94
C ARG A 321 -0.30 -5.19 4.86
N PHE A 322 0.76 -4.97 5.65
CA PHE A 322 1.43 -3.67 5.66
C PHE A 322 2.08 -3.38 4.33
N THR A 323 2.70 -4.39 3.71
CA THR A 323 3.36 -4.19 2.42
C THR A 323 2.33 -3.91 1.32
N PHE A 324 1.24 -4.67 1.27
CA PHE A 324 0.21 -4.43 0.27
C PHE A 324 -0.44 -3.07 0.47
N VAL A 325 -0.66 -2.66 1.73
CA VAL A 325 -1.33 -1.39 1.97
C VAL A 325 -0.46 -0.23 1.51
N LEU A 326 0.86 -0.38 1.61
CA LEU A 326 1.76 0.64 1.08
C LEU A 326 1.93 0.50 -0.43
N ALA A 327 1.65 -0.68 -0.98
CA ALA A 327 1.51 -0.79 -2.43
C ALA A 327 0.34 0.05 -2.92
N VAL A 328 -0.75 0.05 -2.16
CA VAL A 328 -1.90 0.89 -2.50
C VAL A 328 -1.55 2.36 -2.33
N VAL A 329 -0.66 2.69 -1.39
CA VAL A 329 -0.26 4.07 -1.18
C VAL A 329 0.57 4.57 -2.35
N ILE A 330 1.52 3.76 -2.83
CA ILE A 330 2.28 4.13 -4.01
C ILE A 330 1.35 4.34 -5.19
N GLY A 331 0.25 3.60 -5.23
CA GLY A 331 -0.74 3.80 -6.27
C GLY A 331 -1.31 5.20 -6.28
N VAL A 332 -1.45 5.82 -5.11
CA VAL A 332 -1.95 7.19 -5.06
C VAL A 332 -0.83 8.21 -5.27
N PHE A 333 0.39 7.91 -4.82
CA PHE A 333 1.51 8.82 -5.10
C PHE A 333 1.79 8.88 -6.59
N VAL A 334 1.65 7.74 -7.29
CA VAL A 334 1.78 7.73 -8.74
C VAL A 334 0.58 8.42 -9.37
N VAL A 335 -0.63 8.09 -8.91
CA VAL A 335 -1.83 8.64 -9.54
C VAL A 335 -1.93 10.14 -9.30
N CYS A 336 -1.58 10.62 -8.10
CA CYS A 336 -1.72 12.04 -7.81
C CYS A 336 -0.63 12.87 -8.47
N TRP A 337 0.62 12.43 -8.37
CA TRP A 337 1.75 13.27 -8.74
C TRP A 337 2.18 13.12 -10.19
N PHE A 338 2.14 11.90 -10.74
CA PHE A 338 2.61 11.68 -12.11
C PHE A 338 1.96 12.61 -13.13
N PRO A 339 0.63 12.82 -13.13
CA PRO A 339 0.08 13.79 -14.09
C PRO A 339 0.72 15.17 -13.97
N PHE A 340 0.89 15.67 -12.75
CA PHE A 340 1.52 16.96 -12.55
C PHE A 340 2.96 16.97 -13.08
N PHE A 341 3.77 16.01 -12.64
CA PHE A 341 5.19 16.04 -13.00
C PHE A 341 5.39 15.78 -14.48
N PHE A 342 4.55 14.93 -15.08
CA PHE A 342 4.72 14.64 -16.50
C PHE A 342 4.30 15.82 -17.36
N THR A 343 3.23 16.53 -16.98
CA THR A 343 2.85 17.73 -17.72
C THR A 343 3.84 18.86 -17.45
N TYR A 344 4.36 18.94 -16.23
CA TYR A 344 5.34 19.96 -15.89
C TYR A 344 6.67 19.69 -16.58
N THR A 345 7.01 18.41 -16.78
CA THR A 345 8.21 18.06 -17.52
C THR A 345 8.07 18.39 -18.99
N LEU A 346 6.88 18.14 -19.56
CA LEU A 346 6.63 18.49 -20.96
C LEU A 346 6.72 19.97 -21.22
N THR A 347 6.59 20.82 -20.20
CA THR A 347 6.66 22.26 -20.43
C THR A 347 8.02 22.68 -20.97
N ALA A 348 9.06 21.89 -20.69
CA ALA A 348 10.38 22.18 -21.25
C ALA A 348 10.35 22.19 -22.78
N VAL A 349 9.56 21.29 -23.37
CA VAL A 349 9.34 21.32 -24.82
C VAL A 349 8.04 22.01 -25.20
N GLY A 350 7.16 22.27 -24.23
CA GLY A 350 5.99 23.12 -24.42
C GLY A 350 5.02 22.61 -25.48
N CYS A 351 4.56 21.37 -25.34
CA CYS A 351 3.79 20.76 -26.41
C CYS A 351 2.29 21.05 -26.29
N SER A 352 1.72 20.94 -25.10
CA SER A 352 0.27 20.93 -24.96
C SER A 352 -0.19 22.05 -24.04
N VAL A 353 -1.51 22.13 -23.90
CA VAL A 353 -2.20 23.18 -23.15
C VAL A 353 -1.85 23.11 -21.68
N PRO A 354 -1.27 24.17 -21.10
CA PRO A 354 -1.11 24.21 -19.65
C PRO A 354 -2.27 24.92 -18.96
N ARG A 355 -2.93 25.81 -19.70
CA ARG A 355 -3.95 26.68 -19.11
C ARG A 355 -5.02 25.89 -18.36
N THR A 356 -5.60 24.88 -19.01
CA THR A 356 -6.70 24.14 -18.41
C THR A 356 -6.21 23.03 -17.49
N LEU A 357 -5.02 22.49 -17.72
CA LEU A 357 -4.58 21.29 -17.03
C LEU A 357 -3.74 21.59 -15.80
N PHE A 358 -2.92 22.63 -15.85
CA PHE A 358 -2.01 22.96 -14.75
C PHE A 358 -2.76 23.07 -13.43
N LYS A 359 -3.92 23.73 -13.45
CA LYS A 359 -4.70 23.92 -12.21
C LYS A 359 -5.16 22.59 -11.64
N PHE A 360 -5.65 21.70 -12.50
CA PHE A 360 -6.16 20.42 -12.04
C PHE A 360 -5.03 19.56 -11.47
N PHE A 361 -3.89 19.51 -12.16
CA PHE A 361 -2.78 18.68 -11.74
C PHE A 361 -2.06 19.25 -10.51
N PHE A 362 -2.08 20.58 -10.33
CA PHE A 362 -1.49 21.17 -9.15
C PHE A 362 -2.28 20.81 -7.90
N TRP A 363 -3.61 20.73 -8.01
CA TRP A 363 -4.41 20.26 -6.88
C TRP A 363 -4.25 18.76 -6.69
N PHE A 364 -4.29 18.01 -7.79
CA PHE A 364 -4.28 16.55 -7.73
C PHE A 364 -3.07 16.03 -6.99
N GLY A 365 -1.87 16.51 -7.35
CA GLY A 365 -0.69 16.16 -6.58
C GLY A 365 -0.81 16.57 -5.14
N TYR A 366 -1.44 17.71 -4.86
CA TYR A 366 -1.49 18.23 -3.51
C TYR A 366 -2.40 17.42 -2.59
N CYS A 367 -3.51 16.90 -3.10
CA CYS A 367 -4.42 16.14 -2.24
C CYS A 367 -3.83 14.81 -1.78
N ASN A 368 -2.69 14.41 -2.35
CA ASN A 368 -2.02 13.18 -1.92
C ASN A 368 -1.77 13.16 -0.42
N SER A 369 -1.45 14.33 0.15
CA SER A 369 -1.11 14.38 1.57
C SER A 369 -2.33 14.18 2.46
N SER A 370 -3.50 14.64 2.02
CA SER A 370 -4.72 14.47 2.79
C SER A 370 -5.30 13.07 2.68
N LEU A 371 -5.05 12.38 1.58
CA LEU A 371 -5.69 11.11 1.29
C LEU A 371 -4.86 9.91 1.70
N ASN A 372 -3.71 10.10 2.37
CA ASN A 372 -2.96 8.96 2.86
C ASN A 372 -3.72 8.22 3.95
N PRO A 373 -4.19 8.87 5.03
CA PRO A 373 -5.01 8.15 6.02
C PRO A 373 -6.34 7.66 5.46
N VAL A 374 -6.75 8.14 4.28
CA VAL A 374 -7.98 7.67 3.66
C VAL A 374 -7.83 6.20 3.25
N ILE A 375 -6.89 5.93 2.33
CA ILE A 375 -6.62 4.54 1.95
C ILE A 375 -6.11 3.74 3.15
N TYR A 376 -5.49 4.43 4.11
CA TYR A 376 -4.89 3.76 5.26
C TYR A 376 -5.95 3.01 6.07
N THR A 377 -7.07 3.66 6.38
CA THR A 377 -8.14 2.97 7.09
C THR A 377 -9.01 2.13 6.17
N ILE A 378 -9.05 2.47 4.88
CA ILE A 378 -9.91 1.77 3.94
C ILE A 378 -9.50 0.33 3.75
N PHE A 379 -8.23 0.00 4.03
CA PHE A 379 -7.72 -1.34 3.78
C PHE A 379 -7.13 -2.02 5.01
N ASN A 380 -6.41 -1.29 5.86
CA ASN A 380 -5.77 -1.90 7.02
C ASN A 380 -6.81 -2.18 8.11
N HIS A 381 -6.82 -3.41 8.62
CA HIS A 381 -7.81 -3.79 9.61
C HIS A 381 -7.52 -3.17 10.97
N ASP A 382 -6.24 -2.95 11.29
CA ASP A 382 -5.88 -2.28 12.53
C ASP A 382 -6.19 -0.79 12.50
N PHE A 383 -6.35 -0.22 11.31
CA PHE A 383 -6.53 1.22 11.19
C PHE A 383 -7.94 1.63 11.63
N ARG A 384 -8.96 0.91 11.17
CA ARG A 384 -10.34 1.24 11.51
C ARG A 384 -10.53 1.30 13.03
N ARG A 385 -10.02 0.30 13.73
CA ARG A 385 -10.16 0.28 15.19
C ARG A 385 -9.35 1.38 15.85
N ALA A 386 -8.16 1.66 15.33
CA ALA A 386 -7.34 2.74 15.88
C ALA A 386 -7.96 4.11 15.62
N PHE A 387 -8.79 4.23 14.58
CA PHE A 387 -9.45 5.51 14.31
C PHE A 387 -10.68 5.69 15.20
N LYS A 388 -11.42 4.61 15.45
CA LYS A 388 -12.59 4.70 16.31
C LYS A 388 -12.22 4.76 17.79
N LYS A 389 -11.03 4.28 18.16
CA LYS A 389 -10.62 4.29 19.55
C LYS A 389 -9.78 5.50 19.93
N ILE A 390 -9.18 6.18 18.94
CA ILE A 390 -8.47 7.42 19.24
C ILE A 390 -9.45 8.49 19.71
N LEU A 391 -10.61 8.58 19.06
CA LEU A 391 -11.56 9.66 19.37
C LEU A 391 -12.23 9.46 20.72
N CYS A 392 -12.81 8.29 20.95
CA CYS A 392 -13.57 8.05 22.18
C CYS A 392 -12.64 7.93 23.39
N ARG A 393 -11.58 7.15 23.26
CA ARG A 393 -10.63 6.92 24.36
C ARG A 393 -11.32 6.36 25.59
C1 PEG B . -4.50 -33.04 16.59
O1 PEG B . -5.64 -32.48 17.19
C2 PEG B . -4.06 -32.15 15.43
O2 PEG B . -2.95 -32.74 14.81
C3 PEG B . -3.02 -32.73 13.42
C4 PEG B . -2.08 -33.79 12.85
O4 PEG B . -2.43 -34.05 11.53
C4 E39 C . 6.17 23.20 -8.98
C3 E39 C . 6.00 23.92 -6.55
C2 E39 C . 5.53 22.93 -7.62
C1 E39 C . 9.46 19.39 -6.61
C10 E39 C . 7.03 19.64 -6.62
C11 E39 C . 1.70 21.25 -5.49
C12 E39 C . 7.17 20.96 -7.04
C13 E39 C . 8.46 21.49 -7.24
C14 E39 C . 9.59 20.71 -7.04
C5 E39 C . 4.85 20.48 -7.12
C6 E39 C . 5.55 19.33 -6.47
C7 E39 C . 3.68 20.87 -6.23
C8 E39 C . 3.77 21.37 -4.94
C9 E39 C . 8.19 18.85 -6.40
F1 E39 C . 8.06 17.56 -5.98
N1 E39 C . 5.81 21.56 -7.19
N2 E39 C . 2.39 20.82 -6.53
N3 E39 C . 2.53 21.58 -4.52
#